data_4B8O
#
_entry.id   4B8O
#
_cell.length_a   133.494
_cell.length_b   73.865
_cell.length_c   62.064
_cell.angle_alpha   90.00
_cell.angle_beta   91.77
_cell.angle_gamma   90.00
#
_symmetry.space_group_name_H-M   'C 1 2 1'
#
loop_
_entity.id
_entity.type
_entity.pdbx_description
1 polymer 'IMPORTIN SUBUNIT ALPHA-1A'
2 polymer SV40TAGNLS
3 water water
#
loop_
_entity_poly.entity_id
_entity_poly.type
_entity_poly.pdbx_seq_one_letter_code
_entity_poly.pdbx_strand_id
1 'polypeptide(L)'
;GSGMKETAAAKFERQHMDSPDLGTDDDDKAMADIGSSLPAMIGGVYSDDNNLQLEATTQFRKLLSIERSPPIEEVIQSGV
VPRFVQFLTREDFPQLQFEAAWALTNIASGTSENTKVVIDHGAVPIFVKLLGSSSDDVREQAVWALGNVAGDSPKCRDLV
LANGALLPLLAQLNEHTKLSMLRNATWTLSNFCRGKPQPSFEQTRPALPALARLIHSNDEEVLTDACWALSYLSDGTNDK
IQAVIEAGVCPRLVELLLHPSPSVLIPALRTVGNIVTGDDAQTQCIIDHQALPCLLSLLTQNLKKSIKKEACWTISNITA
GNKDQIQAVINAGIIGPLVNLLQTAEFDIKKEAAWAISNATSGGSHDQIKYLVSEGCIKPLCDLLICPDIRIVTVCLEGL
ENILKVGETDKTLAAGDVNVFSQMIDEAEGLEKIENLQSHDNNEIYEKAVKILEAYWMDEEDDTMGATTVAAPQGATFDF
GQGGGAAQFK
;
A
2 'polypeptide(L)' GSPPKKKRKVG B,C
#
# COMPACT_ATOMS: atom_id res chain seq x y z
N SER A 37 19.17 -43.29 -3.74
CA SER A 37 19.42 -41.87 -3.54
C SER A 37 18.59 -41.35 -2.37
N LEU A 38 17.29 -41.21 -2.56
CA LEU A 38 16.42 -40.74 -1.49
C LEU A 38 16.45 -41.68 -0.28
N PRO A 39 16.45 -43.00 -0.53
CA PRO A 39 16.53 -43.93 0.60
C PRO A 39 17.80 -43.72 1.41
N ALA A 40 18.90 -43.48 0.72
CA ALA A 40 20.17 -43.20 1.38
C ALA A 40 20.09 -41.88 2.14
N MET A 41 19.46 -40.87 1.55
CA MET A 41 19.33 -39.58 2.22
C MET A 41 18.48 -39.69 3.50
N ILE A 42 17.38 -40.42 3.40
CA ILE A 42 16.53 -40.64 4.54
C ILE A 42 17.33 -41.33 5.63
N GLY A 43 18.08 -42.35 5.24
CA GLY A 43 18.92 -43.08 6.17
C GLY A 43 19.93 -42.18 6.85
N GLY A 44 20.54 -41.30 6.07
CA GLY A 44 21.49 -40.35 6.62
C GLY A 44 20.85 -39.43 7.66
N VAL A 45 19.70 -38.84 7.35
CA VAL A 45 19.08 -37.94 8.30
C VAL A 45 18.63 -38.67 9.55
N TYR A 46 18.27 -39.95 9.41
CA TYR A 46 17.79 -40.72 10.57
C TYR A 46 18.89 -41.44 11.34
N SER A 47 20.14 -41.30 10.90
CA SER A 47 21.28 -41.82 11.66
C SER A 47 21.65 -40.91 12.81
N ASP A 48 22.51 -41.41 13.70
CA ASP A 48 23.06 -40.55 14.76
C ASP A 48 24.52 -40.23 14.54
N ASP A 49 24.90 -40.17 13.27
CA ASP A 49 26.25 -39.80 12.88
C ASP A 49 26.21 -38.36 12.37
N ASN A 50 26.96 -37.48 13.02
CA ASN A 50 26.95 -36.06 12.70
C ASN A 50 27.21 -35.78 11.24
N ASN A 51 28.17 -36.47 10.66
CA ASN A 51 28.52 -36.22 9.27
C ASN A 51 27.50 -36.77 8.29
N LEU A 52 26.87 -37.88 8.60
CA LEU A 52 25.82 -38.40 7.72
C LEU A 52 24.61 -37.48 7.80
N GLN A 53 24.30 -36.99 8.99
CA GLN A 53 23.17 -36.08 9.17
C GLN A 53 23.35 -34.84 8.30
N LEU A 54 24.53 -34.23 8.41
CA LEU A 54 24.84 -33.00 7.67
C LEU A 54 24.86 -33.24 6.18
N GLU A 55 25.51 -34.32 5.77
CA GLU A 55 25.60 -34.67 4.35
C GLU A 55 24.21 -34.86 3.72
N ALA A 56 23.38 -35.66 4.38
CA ALA A 56 22.03 -35.94 3.90
C ALA A 56 21.12 -34.68 3.95
N THR A 57 21.24 -33.88 4.99
CA THR A 57 20.43 -32.66 5.09
C THR A 57 20.82 -31.70 3.99
N THR A 58 22.12 -31.55 3.77
CA THR A 58 22.64 -30.72 2.71
C THR A 58 22.13 -31.15 1.34
N GLN A 59 22.00 -32.46 1.14
CA GLN A 59 21.49 -33.00 -0.11
C GLN A 59 20.00 -32.67 -0.31
N PHE A 60 19.23 -32.78 0.76
CA PHE A 60 17.83 -32.40 0.78
C PHE A 60 17.71 -30.90 0.45
N ARG A 61 18.56 -30.08 1.04
CA ARG A 61 18.53 -28.65 0.79
C ARG A 61 18.78 -28.31 -0.68
N LYS A 62 19.79 -28.93 -1.27
CA LYS A 62 20.11 -28.72 -2.67
C LYS A 62 18.94 -29.11 -3.55
N LEU A 63 18.29 -30.21 -3.21
CA LEU A 63 17.10 -30.66 -3.89
C LEU A 63 15.98 -29.61 -3.84
N LEU A 64 15.81 -28.98 -2.69
CA LEU A 64 14.75 -27.99 -2.49
C LEU A 64 15.14 -26.63 -3.02
N SER A 65 16.38 -26.51 -3.46
CA SER A 65 16.92 -25.26 -3.95
C SER A 65 17.10 -25.23 -5.47
N ILE A 66 16.57 -26.22 -6.18
CA ILE A 66 16.78 -26.28 -7.62
C ILE A 66 16.04 -25.14 -8.32
N GLU A 67 16.49 -24.87 -9.55
CA GLU A 67 16.00 -23.77 -10.35
C GLU A 67 14.47 -23.63 -10.30
N ARG A 68 13.76 -24.68 -10.67
CA ARG A 68 12.31 -24.67 -10.56
C ARG A 68 11.72 -26.04 -10.28
N SER A 69 10.44 -26.04 -9.93
CA SER A 69 9.73 -27.25 -9.52
C SER A 69 10.49 -28.09 -8.48
N PRO A 70 10.88 -27.47 -7.35
CA PRO A 70 11.47 -28.29 -6.28
C PRO A 70 10.48 -29.36 -5.84
N PRO A 71 10.97 -30.57 -5.58
CA PRO A 71 10.05 -31.66 -5.20
C PRO A 71 9.67 -31.58 -3.72
N ILE A 72 8.97 -30.51 -3.34
CA ILE A 72 8.61 -30.33 -1.95
C ILE A 72 7.76 -31.49 -1.41
N GLU A 73 6.77 -31.88 -2.19
CA GLU A 73 5.85 -32.94 -1.79
C GLU A 73 6.61 -34.23 -1.47
N GLU A 74 7.56 -34.59 -2.34
CA GLU A 74 8.29 -35.83 -2.18
C GLU A 74 9.17 -35.76 -0.92
N VAL A 75 9.81 -34.62 -0.68
CA VAL A 75 10.54 -34.46 0.56
C VAL A 75 9.63 -34.59 1.77
N ILE A 76 8.46 -33.95 1.76
CA ILE A 76 7.53 -34.13 2.88
C ILE A 76 7.13 -35.60 3.11
N GLN A 77 6.76 -36.30 2.03
CA GLN A 77 6.35 -37.69 2.13
C GLN A 77 7.48 -38.61 2.60
N SER A 78 8.72 -38.24 2.34
CA SER A 78 9.86 -39.03 2.83
C SER A 78 9.93 -39.05 4.37
N GLY A 79 9.21 -38.16 5.02
CA GLY A 79 9.12 -38.15 6.47
C GLY A 79 10.23 -37.44 7.23
N VAL A 80 11.05 -36.64 6.54
CA VAL A 80 12.19 -35.99 7.20
C VAL A 80 11.92 -34.66 7.90
N VAL A 81 10.72 -34.09 7.72
CA VAL A 81 10.45 -32.79 8.31
C VAL A 81 10.69 -32.78 9.85
N PRO A 82 10.11 -33.75 10.59
CA PRO A 82 10.30 -33.75 12.06
C PRO A 82 11.78 -33.76 12.46
N ARG A 83 12.61 -34.43 11.67
CA ARG A 83 14.03 -34.55 12.00
C ARG A 83 14.71 -33.22 11.75
N PHE A 84 14.39 -32.60 10.62
CA PHE A 84 14.89 -31.27 10.34
C PHE A 84 14.56 -30.34 11.50
N VAL A 85 13.34 -30.43 12.02
CA VAL A 85 12.97 -29.57 13.12
C VAL A 85 13.83 -29.90 14.35
N GLN A 86 14.11 -31.18 14.58
CA GLN A 86 15.01 -31.55 15.68
C GLN A 86 16.40 -30.96 15.47
N PHE A 87 16.87 -31.03 14.24
CA PHE A 87 18.14 -30.41 13.87
C PHE A 87 18.22 -28.92 14.23
N LEU A 88 17.11 -28.20 14.09
CA LEU A 88 17.08 -26.79 14.49
C LEU A 88 17.58 -26.54 15.90
N THR A 89 17.39 -27.51 16.77
CA THR A 89 17.76 -27.36 18.18
C THR A 89 19.21 -27.76 18.47
N ARG A 90 19.97 -28.23 17.48
CA ARG A 90 21.36 -28.68 17.72
C ARG A 90 22.32 -27.49 17.80
N GLU A 91 22.34 -26.80 18.94
CA GLU A 91 23.16 -25.58 18.99
C GLU A 91 24.68 -25.87 19.02
N ASP A 92 25.03 -27.14 19.22
CA ASP A 92 26.41 -27.60 19.14
C ASP A 92 26.85 -27.72 17.69
N PHE A 93 25.90 -27.65 16.76
CA PHE A 93 26.17 -27.98 15.36
C PHE A 93 25.50 -26.94 14.42
N PRO A 94 25.97 -25.69 14.46
CA PRO A 94 25.42 -24.56 13.71
C PRO A 94 25.26 -24.86 12.23
N GLN A 95 26.24 -25.56 11.64
CA GLN A 95 26.15 -25.84 10.22
C GLN A 95 24.91 -26.69 9.88
N LEU A 96 24.58 -27.62 10.77
CA LEU A 96 23.43 -28.48 10.62
C LEU A 96 22.12 -27.71 10.88
N GLN A 97 22.12 -26.83 11.88
CA GLN A 97 21.01 -25.94 12.11
C GLN A 97 20.71 -25.14 10.86
N PHE A 98 21.76 -24.60 10.27
CA PHE A 98 21.64 -23.77 9.08
C PHE A 98 21.02 -24.52 7.90
N GLU A 99 21.57 -25.69 7.60
CA GLU A 99 21.11 -26.51 6.49
C GLU A 99 19.66 -26.94 6.66
N ALA A 100 19.30 -27.34 7.87
CA ALA A 100 17.94 -27.72 8.20
C ALA A 100 16.95 -26.55 8.07
N ALA A 101 17.37 -25.38 8.56
CA ALA A 101 16.59 -24.16 8.49
C ALA A 101 16.34 -23.75 7.04
N TRP A 102 17.37 -23.87 6.22
CA TRP A 102 17.29 -23.58 4.81
C TRP A 102 16.33 -24.49 4.12
N ALA A 103 16.38 -25.78 4.46
CA ALA A 103 15.45 -26.75 3.90
C ALA A 103 14.03 -26.50 4.36
N LEU A 104 13.87 -26.20 5.64
CA LEU A 104 12.57 -25.91 6.20
C LEU A 104 12.01 -24.62 5.59
N THR A 105 12.89 -23.66 5.37
CA THR A 105 12.53 -22.43 4.69
C THR A 105 11.92 -22.72 3.31
N ASN A 106 12.55 -23.62 2.56
CA ASN A 106 12.10 -23.89 1.20
C ASN A 106 10.85 -24.73 1.12
N ILE A 107 10.62 -25.57 2.11
CA ILE A 107 9.37 -26.29 2.21
C ILE A 107 8.23 -25.28 2.49
N ALA A 108 8.47 -24.33 3.38
CA ALA A 108 7.44 -23.35 3.74
C ALA A 108 7.23 -22.30 2.63
N SER A 109 8.07 -22.35 1.58
CA SER A 109 7.90 -21.51 0.40
C SER A 109 6.84 -22.07 -0.56
N GLY A 110 6.39 -23.30 -0.31
CA GLY A 110 5.41 -23.93 -1.17
C GLY A 110 3.98 -23.57 -0.86
N THR A 111 3.10 -24.55 -1.00
CA THR A 111 1.69 -24.29 -0.85
C THR A 111 1.33 -24.18 0.64
N SER A 112 0.11 -23.76 0.93
CA SER A 112 -0.36 -23.76 2.30
C SER A 112 -0.26 -25.15 2.93
N GLU A 113 -0.57 -26.20 2.18
CA GLU A 113 -0.53 -27.56 2.76
C GLU A 113 0.92 -27.91 3.12
N ASN A 114 1.86 -27.44 2.31
CA ASN A 114 3.28 -27.68 2.58
C ASN A 114 3.67 -26.98 3.87
N THR A 115 3.25 -25.72 3.96
CA THR A 115 3.56 -24.90 5.12
C THR A 115 2.94 -25.46 6.39
N LYS A 116 1.74 -25.99 6.28
CA LYS A 116 1.06 -26.58 7.44
C LYS A 116 1.92 -27.72 8.06
N VAL A 117 2.65 -28.46 7.23
CA VAL A 117 3.44 -29.57 7.75
C VAL A 117 4.54 -29.06 8.69
N VAL A 118 5.19 -27.98 8.29
CA VAL A 118 6.21 -27.30 9.07
C VAL A 118 5.63 -26.77 10.39
N ILE A 119 4.42 -26.19 10.33
CA ILE A 119 3.77 -25.68 11.53
C ILE A 119 3.40 -26.82 12.51
N ASP A 120 2.84 -27.87 11.95
CA ASP A 120 2.40 -29.03 12.71
C ASP A 120 3.53 -29.68 13.47
N HIS A 121 4.75 -29.54 12.95
CA HIS A 121 5.91 -30.14 13.59
C HIS A 121 6.67 -29.19 14.51
N GLY A 122 6.02 -28.09 14.87
CA GLY A 122 6.46 -27.21 15.94
C GLY A 122 7.57 -26.27 15.57
N ALA A 123 7.76 -26.04 14.28
CA ALA A 123 8.89 -25.22 13.84
C ALA A 123 8.80 -23.77 14.29
N VAL A 124 7.58 -23.24 14.42
CA VAL A 124 7.49 -21.81 14.66
C VAL A 124 8.16 -21.34 15.97
N PRO A 125 7.81 -21.95 17.10
CA PRO A 125 8.49 -21.46 18.33
C PRO A 125 10.00 -21.67 18.29
N ILE A 126 10.44 -22.72 17.59
CA ILE A 126 11.88 -23.02 17.53
C ILE A 126 12.60 -21.95 16.68
N PHE A 127 12.04 -21.64 15.51
CA PHE A 127 12.57 -20.53 14.71
C PHE A 127 12.63 -19.25 15.51
N VAL A 128 11.61 -18.99 16.33
CA VAL A 128 11.61 -17.78 17.13
C VAL A 128 12.80 -17.82 18.09
N LYS A 129 13.03 -18.98 18.71
CA LYS A 129 14.16 -19.11 19.62
C LYS A 129 15.49 -18.93 18.88
N LEU A 130 15.57 -19.37 17.62
CA LEU A 130 16.81 -19.21 16.85
C LEU A 130 17.11 -17.76 16.45
N LEU A 131 16.15 -16.87 16.65
CA LEU A 131 16.39 -15.45 16.45
C LEU A 131 17.42 -14.97 17.46
N GLY A 132 17.70 -15.79 18.46
CA GLY A 132 18.71 -15.47 19.47
C GLY A 132 20.01 -16.24 19.29
N SER A 133 20.17 -16.92 18.17
CA SER A 133 21.36 -17.76 17.96
C SER A 133 22.63 -16.94 17.80
N SER A 134 23.76 -17.49 18.25
CA SER A 134 25.04 -16.82 18.09
C SER A 134 25.50 -16.87 16.65
N SER A 135 24.99 -17.82 15.89
CA SER A 135 25.32 -17.87 14.47
C SER A 135 24.47 -16.91 13.65
N ASP A 136 25.14 -15.97 12.99
CA ASP A 136 24.51 -14.99 12.13
C ASP A 136 23.75 -15.67 10.98
N ASP A 137 24.33 -16.72 10.38
CA ASP A 137 23.69 -17.43 9.28
C ASP A 137 22.40 -18.08 9.76
N VAL A 138 22.44 -18.68 10.94
CA VAL A 138 21.24 -19.29 11.51
C VAL A 138 20.15 -18.25 11.82
N ARG A 139 20.53 -17.13 12.41
CA ARG A 139 19.59 -16.06 12.70
C ARG A 139 18.87 -15.55 11.43
N GLU A 140 19.66 -15.27 10.40
CA GLU A 140 19.13 -14.78 9.15
C GLU A 140 18.18 -15.80 8.52
N GLN A 141 18.55 -17.06 8.56
CA GLN A 141 17.72 -18.12 8.01
C GLN A 141 16.39 -18.25 8.75
N ALA A 142 16.45 -18.10 10.07
CA ALA A 142 15.27 -18.13 10.92
C ALA A 142 14.31 -16.97 10.57
N VAL A 143 14.89 -15.80 10.31
CA VAL A 143 14.08 -14.65 9.93
C VAL A 143 13.37 -14.94 8.62
N TRP A 144 14.09 -15.55 7.68
CA TRP A 144 13.54 -15.88 6.37
C TRP A 144 12.41 -16.92 6.49
N ALA A 145 12.67 -17.97 7.27
CA ALA A 145 11.67 -19.00 7.48
C ALA A 145 10.37 -18.41 8.04
N LEU A 146 10.47 -17.52 9.02
CA LEU A 146 9.29 -16.99 9.65
C LEU A 146 8.55 -16.05 8.68
N GLY A 147 9.30 -15.40 7.79
CA GLY A 147 8.70 -14.61 6.74
C GLY A 147 7.83 -15.48 5.83
N ASN A 148 8.37 -16.63 5.41
CA ASN A 148 7.60 -17.54 4.58
C ASN A 148 6.38 -18.04 5.28
N VAL A 149 6.51 -18.38 6.55
CA VAL A 149 5.33 -18.85 7.26
C VAL A 149 4.27 -17.74 7.36
N ALA A 150 4.68 -16.55 7.74
CA ALA A 150 3.74 -15.47 7.94
C ALA A 150 3.11 -15.07 6.61
N GLY A 151 3.84 -15.32 5.53
CA GLY A 151 3.36 -14.95 4.21
C GLY A 151 2.28 -15.87 3.69
N ASP A 152 2.08 -16.99 4.37
CA ASP A 152 1.14 -17.97 3.85
C ASP A 152 -0.30 -17.50 3.93
N SER A 153 -0.67 -16.83 5.01
CA SER A 153 -2.05 -16.39 5.19
C SER A 153 -2.12 -15.55 6.45
N PRO A 154 -3.23 -14.83 6.63
CA PRO A 154 -3.42 -14.03 7.85
C PRO A 154 -3.40 -14.88 9.14
N LYS A 155 -3.96 -16.08 9.08
CA LYS A 155 -3.89 -16.98 10.24
C LYS A 155 -2.42 -17.37 10.57
N CYS A 156 -1.64 -17.74 9.56
CA CYS A 156 -0.23 -18.07 9.77
C CYS A 156 0.59 -16.87 10.25
N ARG A 157 0.34 -15.71 9.66
CA ARG A 157 0.89 -14.45 10.16
C ARG A 157 0.57 -14.28 11.64
N ASP A 158 -0.70 -14.44 12.01
CA ASP A 158 -1.07 -14.26 13.40
C ASP A 158 -0.45 -15.33 14.32
N LEU A 159 -0.29 -16.55 13.83
CA LEU A 159 0.37 -17.58 14.62
C LEU A 159 1.83 -17.17 14.91
N VAL A 160 2.52 -16.68 13.89
CA VAL A 160 3.89 -16.23 14.07
C VAL A 160 4.00 -15.09 15.09
N LEU A 161 3.14 -14.09 14.96
CA LEU A 161 3.09 -13.02 15.92
C LEU A 161 2.77 -13.51 17.34
N ALA A 162 1.85 -14.44 17.46
CA ALA A 162 1.45 -14.96 18.78
C ALA A 162 2.53 -15.80 19.46
N ASN A 163 3.51 -16.27 18.68
CA ASN A 163 4.61 -17.05 19.23
C ASN A 163 5.75 -16.12 19.54
N GLY A 164 5.49 -14.81 19.46
CA GLY A 164 6.41 -13.81 19.98
C GLY A 164 7.58 -13.53 19.05
N ALA A 165 7.35 -13.58 17.75
CA ALA A 165 8.43 -13.40 16.79
C ALA A 165 8.92 -11.95 16.68
N LEU A 166 8.04 -10.98 16.93
CA LEU A 166 8.36 -9.59 16.55
C LEU A 166 9.52 -8.98 17.35
N LEU A 167 9.45 -9.04 18.68
CA LEU A 167 10.46 -8.39 19.51
C LEU A 167 11.86 -8.98 19.25
N PRO A 168 12.01 -10.30 19.24
CA PRO A 168 13.31 -10.89 18.92
C PRO A 168 13.81 -10.46 17.55
N LEU A 169 12.91 -10.37 16.59
CA LEU A 169 13.27 -9.96 15.25
C LEU A 169 13.81 -8.53 15.24
N LEU A 170 13.13 -7.63 15.96
CA LEU A 170 13.60 -6.26 16.08
C LEU A 170 14.88 -6.22 16.91
N ALA A 171 14.91 -7.06 17.94
CA ALA A 171 16.00 -7.11 18.90
C ALA A 171 17.37 -7.15 18.27
N GLN A 172 17.49 -7.80 17.12
CA GLN A 172 18.80 -7.85 16.52
C GLN A 172 18.84 -7.11 15.20
N LEU A 173 18.24 -5.94 15.21
CA LEU A 173 18.43 -4.94 14.18
C LEU A 173 19.09 -3.77 14.89
N ASN A 174 20.30 -3.42 14.46
CA ASN A 174 21.05 -2.33 15.07
C ASN A 174 22.02 -1.67 14.10
N GLU A 175 22.89 -0.81 14.61
CA GLU A 175 23.82 -0.05 13.76
C GLU A 175 24.81 -0.92 12.99
N HIS A 176 25.02 -2.14 13.47
CA HIS A 176 26.00 -3.05 12.89
C HIS A 176 25.38 -4.12 12.02
N THR A 177 24.06 -4.13 11.91
CA THR A 177 23.39 -5.15 11.13
C THR A 177 23.83 -5.07 9.68
N LYS A 178 24.18 -6.21 9.10
CA LYS A 178 24.63 -6.23 7.70
C LYS A 178 23.43 -6.21 6.74
N LEU A 179 23.64 -5.67 5.54
CA LEU A 179 22.58 -5.55 4.53
C LEU A 179 21.73 -6.78 4.28
N SER A 180 22.35 -7.94 4.17
CA SER A 180 21.59 -9.18 3.92
C SER A 180 20.53 -9.41 5.01
N MET A 181 20.92 -9.22 6.26
CA MET A 181 19.97 -9.35 7.35
C MET A 181 18.94 -8.22 7.35
N LEU A 182 19.40 -7.02 7.01
CA LEU A 182 18.49 -5.87 6.93
C LEU A 182 17.40 -6.12 5.89
N ARG A 183 17.78 -6.63 4.73
CA ARG A 183 16.82 -6.97 3.70
C ARG A 183 15.88 -8.06 4.16
N ASN A 184 16.43 -9.15 4.70
CA ASN A 184 15.57 -10.26 5.11
C ASN A 184 14.60 -9.83 6.18
N ALA A 185 15.11 -9.11 7.17
CA ALA A 185 14.31 -8.67 8.30
C ALA A 185 13.22 -7.68 7.84
N THR A 186 13.54 -6.79 6.91
CA THR A 186 12.53 -5.82 6.47
C THR A 186 11.42 -6.51 5.70
N TRP A 187 11.81 -7.45 4.82
CA TRP A 187 10.83 -8.24 4.08
C TRP A 187 9.93 -9.03 5.03
N THR A 188 10.52 -9.67 6.03
CA THR A 188 9.73 -10.44 6.99
C THR A 188 8.80 -9.55 7.81
N LEU A 189 9.33 -8.42 8.24
CA LEU A 189 8.51 -7.40 8.90
C LEU A 189 7.28 -6.98 8.07
N SER A 190 7.47 -6.75 6.77
CA SER A 190 6.34 -6.37 5.95
C SER A 190 5.32 -7.50 5.85
N ASN A 191 5.79 -8.75 5.88
CA ASN A 191 4.88 -9.88 5.93
C ASN A 191 4.11 -9.93 7.24
N PHE A 192 4.75 -9.54 8.33
CA PHE A 192 4.06 -9.49 9.63
C PHE A 192 2.92 -8.43 9.65
N CYS A 193 3.03 -7.42 8.79
CA CYS A 193 2.05 -6.33 8.74
C CYS A 193 0.97 -6.51 7.65
N ARG A 194 1.26 -7.38 6.70
CA ARG A 194 0.46 -7.50 5.48
C ARG A 194 -0.84 -8.28 5.69
N GLY A 195 -1.79 -8.09 4.79
CA GLY A 195 -2.92 -9.00 4.71
C GLY A 195 -4.20 -8.45 5.32
N LYS A 196 -5.33 -9.01 4.90
CA LYS A 196 -6.65 -8.68 5.44
C LYS A 196 -7.32 -9.98 5.79
N PRO A 197 -7.98 -10.03 6.97
CA PRO A 197 -8.03 -8.93 7.92
C PRO A 197 -6.64 -8.59 8.45
N GLN A 198 -6.49 -7.35 8.89
CA GLN A 198 -5.20 -6.84 9.29
C GLN A 198 -4.78 -7.39 10.63
N PRO A 199 -3.47 -7.51 10.83
CA PRO A 199 -3.05 -7.95 12.15
C PRO A 199 -3.47 -6.92 13.20
N SER A 200 -3.62 -7.38 14.43
CA SER A 200 -3.89 -6.48 15.54
C SER A 200 -2.84 -5.39 15.56
N PHE A 201 -3.29 -4.15 15.68
CA PHE A 201 -2.38 -3.03 15.64
C PHE A 201 -1.47 -3.05 16.86
N GLU A 202 -1.96 -3.52 18.00
CA GLU A 202 -1.11 -3.59 19.19
C GLU A 202 0.04 -4.58 18.98
N GLN A 203 -0.15 -5.58 18.14
CA GLN A 203 0.88 -6.59 17.91
C GLN A 203 1.90 -6.13 16.88
N THR A 204 1.56 -5.16 16.04
CA THR A 204 2.50 -4.72 14.99
C THR A 204 3.14 -3.37 15.29
N ARG A 205 2.59 -2.68 16.27
CA ARG A 205 3.04 -1.33 16.59
C ARG A 205 4.52 -1.18 16.95
N PRO A 206 5.10 -2.19 17.63
CA PRO A 206 6.53 -2.06 17.95
C PRO A 206 7.37 -1.99 16.71
N ALA A 207 6.81 -2.35 15.56
CA ALA A 207 7.60 -2.30 14.33
C ALA A 207 7.84 -0.86 13.84
N LEU A 208 7.00 0.05 14.30
CA LEU A 208 7.02 1.41 13.74
C LEU A 208 8.34 2.17 13.89
N PRO A 209 8.97 2.15 15.06
CA PRO A 209 10.25 2.82 15.21
C PRO A 209 11.36 2.23 14.34
N ALA A 210 11.38 0.92 14.14
CA ALA A 210 12.34 0.31 13.23
C ALA A 210 12.07 0.72 11.78
N LEU A 211 10.81 0.64 11.37
CA LEU A 211 10.47 1.04 10.01
C LEU A 211 10.80 2.52 9.74
N ALA A 212 10.56 3.40 10.72
CA ALA A 212 10.90 4.81 10.60
C ALA A 212 12.40 5.01 10.36
N ARG A 213 13.23 4.15 10.94
CA ARG A 213 14.68 4.20 10.66
C ARG A 213 15.00 3.55 9.31
N LEU A 214 14.38 2.42 9.02
CA LEU A 214 14.68 1.71 7.78
C LEU A 214 14.35 2.49 6.50
N ILE A 215 13.34 3.35 6.53
CA ILE A 215 13.05 4.16 5.33
C ILE A 215 14.13 5.20 5.02
N HIS A 216 15.10 5.32 5.94
CA HIS A 216 16.30 6.13 5.72
C HIS A 216 17.46 5.38 5.06
N SER A 217 17.24 4.10 4.79
CA SER A 217 18.22 3.35 4.03
C SER A 217 18.27 3.96 2.62
N ASN A 218 19.39 3.75 1.93
CA ASN A 218 19.45 4.06 0.50
C ASN A 218 19.28 2.80 -0.34
N ASP A 219 19.30 1.63 0.30
CA ASP A 219 19.10 0.37 -0.42
C ASP A 219 17.65 0.23 -0.91
N GLU A 220 17.47 -0.05 -2.19
CA GLU A 220 16.13 -0.05 -2.79
C GLU A 220 15.25 -1.18 -2.27
N GLU A 221 15.85 -2.34 -1.99
CA GLU A 221 15.04 -3.46 -1.47
C GLU A 221 14.54 -3.16 -0.05
N VAL A 222 15.41 -2.65 0.82
CA VAL A 222 15.01 -2.21 2.16
C VAL A 222 13.91 -1.15 2.08
N LEU A 223 14.11 -0.13 1.24
CA LEU A 223 13.13 0.94 1.09
C LEU A 223 11.78 0.39 0.61
N THR A 224 11.85 -0.49 -0.37
CA THR A 224 10.64 -1.06 -0.96
C THR A 224 9.81 -1.74 0.12
N ASP A 225 10.45 -2.65 0.84
CA ASP A 225 9.73 -3.44 1.82
C ASP A 225 9.30 -2.64 3.05
N ALA A 226 10.14 -1.72 3.51
CA ALA A 226 9.81 -0.86 4.62
C ALA A 226 8.59 0.02 4.26
N CYS A 227 8.55 0.53 3.03
CA CYS A 227 7.44 1.39 2.62
C CYS A 227 6.15 0.59 2.49
N TRP A 228 6.23 -0.62 1.93
CA TRP A 228 5.04 -1.49 1.87
C TRP A 228 4.51 -1.77 3.26
N ALA A 229 5.42 -2.04 4.19
CA ALA A 229 5.01 -2.25 5.58
C ALA A 229 4.26 -1.04 6.14
N LEU A 230 4.80 0.15 5.92
CA LEU A 230 4.15 1.37 6.37
C LEU A 230 2.83 1.58 5.65
N SER A 231 2.76 1.12 4.40
CA SER A 231 1.50 1.22 3.67
C SER A 231 0.42 0.38 4.34
N TYR A 232 0.80 -0.78 4.89
CA TYR A 232 -0.17 -1.67 5.55
C TYR A 232 -0.59 -1.09 6.91
N LEU A 233 0.37 -0.56 7.65
CA LEU A 233 0.10 -0.02 8.99
C LEU A 233 -0.71 1.26 8.94
N SER A 234 -0.62 2.01 7.84
CA SER A 234 -1.29 3.30 7.73
C SER A 234 -2.68 3.14 7.11
N ASP A 235 -3.02 1.92 6.71
CA ASP A 235 -4.31 1.70 6.08
C ASP A 235 -5.33 1.32 7.14
N GLY A 236 -6.15 2.27 7.57
CA GLY A 236 -7.21 1.96 8.53
C GLY A 236 -7.72 3.21 9.23
N THR A 237 -8.13 3.05 10.48
CA THR A 237 -8.71 4.16 11.23
C THR A 237 -7.65 5.20 11.57
N ASN A 238 -8.11 6.39 11.94
CA ASN A 238 -7.23 7.53 12.16
C ASN A 238 -6.28 7.41 13.36
N ASP A 239 -6.60 6.54 14.30
CA ASP A 239 -5.66 6.26 15.37
C ASP A 239 -4.39 5.58 14.81
N LYS A 240 -4.56 4.69 13.82
CA LYS A 240 -3.40 4.04 13.19
C LYS A 240 -2.56 5.07 12.47
N ILE A 241 -3.22 5.87 11.66
CA ILE A 241 -2.54 6.96 11.01
C ILE A 241 -1.78 7.82 12.03
N GLN A 242 -2.42 8.10 13.17
CA GLN A 242 -1.79 8.94 14.18
C GLN A 242 -0.47 8.30 14.70
N ALA A 243 -0.48 6.98 14.88
CA ALA A 243 0.71 6.27 15.37
C ALA A 243 1.79 6.34 14.32
N VAL A 244 1.40 6.25 13.04
CA VAL A 244 2.39 6.33 11.97
C VAL A 244 3.02 7.72 11.96
N ILE A 245 2.20 8.75 12.01
CA ILE A 245 2.71 10.11 12.01
C ILE A 245 3.65 10.34 13.19
N GLU A 246 3.24 9.84 14.35
CA GLU A 246 4.04 10.06 15.55
C GLU A 246 5.35 9.33 15.48
N ALA A 247 5.50 8.37 14.57
CA ALA A 247 6.80 7.71 14.44
C ALA A 247 7.78 8.59 13.68
N GLY A 248 7.30 9.68 13.10
CA GLY A 248 8.22 10.64 12.50
C GLY A 248 8.47 10.47 11.02
N VAL A 249 7.66 9.66 10.34
CA VAL A 249 7.97 9.27 8.97
C VAL A 249 7.57 10.26 7.84
N CYS A 250 6.71 11.21 8.13
CA CYS A 250 6.20 12.11 7.08
C CYS A 250 7.26 12.78 6.20
N PRO A 251 8.23 13.46 6.78
CA PRO A 251 9.26 14.10 5.96
C PRO A 251 9.94 13.15 4.98
N ARG A 252 10.37 11.98 5.45
CA ARG A 252 11.08 11.01 4.62
C ARG A 252 10.17 10.40 3.55
N LEU A 253 8.93 10.07 3.92
CA LEU A 253 7.96 9.58 2.96
C LEU A 253 7.83 10.55 1.80
N VAL A 254 7.74 11.83 2.10
CA VAL A 254 7.61 12.82 1.06
C VAL A 254 8.82 12.86 0.15
N GLU A 255 10.03 12.81 0.73
CA GLU A 255 11.24 12.70 -0.07
C GLU A 255 11.17 11.53 -1.03
N LEU A 256 10.61 10.42 -0.55
CA LEU A 256 10.55 9.20 -1.33
C LEU A 256 9.59 9.27 -2.53
N LEU A 257 8.68 10.24 -2.52
CA LEU A 257 7.80 10.50 -3.67
C LEU A 257 8.64 10.84 -4.89
N LEU A 258 9.85 11.31 -4.64
CA LEU A 258 10.78 11.69 -5.70
C LEU A 258 11.82 10.61 -6.02
N HIS A 259 11.65 9.40 -5.49
CA HIS A 259 12.55 8.32 -5.78
C HIS A 259 12.43 7.86 -7.20
N PRO A 260 13.56 7.61 -7.87
CA PRO A 260 13.53 7.25 -9.30
C PRO A 260 12.98 5.86 -9.58
N SER A 261 13.03 4.98 -8.59
CA SER A 261 12.51 3.63 -8.79
C SER A 261 11.03 3.50 -8.43
N PRO A 262 10.21 3.02 -9.40
CA PRO A 262 8.78 2.83 -9.15
C PRO A 262 8.53 1.83 -8.04
N SER A 263 9.47 0.91 -7.86
CA SER A 263 9.39 -0.07 -6.78
C SER A 263 9.40 0.58 -5.40
N VAL A 264 10.07 1.72 -5.27
CA VAL A 264 10.05 2.50 -4.03
C VAL A 264 8.90 3.55 -4.02
N LEU A 265 8.75 4.25 -5.13
CA LEU A 265 7.75 5.31 -5.27
C LEU A 265 6.35 4.80 -4.96
N ILE A 266 5.99 3.65 -5.54
CA ILE A 266 4.64 3.11 -5.42
C ILE A 266 4.22 2.91 -3.96
N PRO A 267 5.01 2.17 -3.16
CA PRO A 267 4.56 2.03 -1.78
C PRO A 267 4.67 3.33 -0.97
N ALA A 268 5.63 4.19 -1.29
CA ALA A 268 5.78 5.45 -0.56
C ALA A 268 4.54 6.31 -0.79
N LEU A 269 4.16 6.40 -2.06
CA LEU A 269 2.96 7.12 -2.50
C LEU A 269 1.70 6.54 -1.85
N ARG A 270 1.60 5.22 -1.79
CA ARG A 270 0.44 4.61 -1.15
C ARG A 270 0.35 5.00 0.31
N THR A 271 1.49 5.07 1.00
CA THR A 271 1.51 5.41 2.41
C THR A 271 1.13 6.89 2.63
N VAL A 272 1.69 7.79 1.82
CA VAL A 272 1.29 9.19 1.83
C VAL A 272 -0.23 9.31 1.59
N GLY A 273 -0.73 8.62 0.57
CA GLY A 273 -2.15 8.57 0.30
C GLY A 273 -2.95 8.12 1.50
N ASN A 274 -2.51 7.04 2.14
CA ASN A 274 -3.23 6.55 3.33
C ASN A 274 -3.27 7.59 4.41
N ILE A 275 -2.15 8.27 4.62
CA ILE A 275 -2.05 9.25 5.68
C ILE A 275 -3.03 10.42 5.48
N VAL A 276 -3.18 10.87 4.24
CA VAL A 276 -4.07 11.98 3.99
C VAL A 276 -5.55 11.58 3.93
N THR A 277 -5.86 10.30 4.15
CA THR A 277 -7.27 9.92 4.40
C THR A 277 -7.69 10.22 5.82
N GLY A 278 -6.73 10.65 6.66
CA GLY A 278 -7.03 11.03 8.02
C GLY A 278 -7.62 12.44 8.13
N ASP A 279 -7.65 12.96 9.36
CA ASP A 279 -8.30 14.24 9.59
C ASP A 279 -7.43 15.38 9.10
N ASP A 280 -7.92 16.60 9.25
CA ASP A 280 -7.24 17.77 8.69
C ASP A 280 -5.84 17.98 9.28
N ALA A 281 -5.70 17.81 10.59
CA ALA A 281 -4.40 18.01 11.22
C ALA A 281 -3.38 16.93 10.76
N GLN A 282 -3.86 15.70 10.59
CA GLN A 282 -3.04 14.61 10.08
C GLN A 282 -2.62 14.87 8.64
N THR A 283 -3.56 15.31 7.82
CA THR A 283 -3.28 15.61 6.43
C THR A 283 -2.27 16.75 6.35
N GLN A 284 -2.36 17.67 7.30
CA GLN A 284 -1.48 18.85 7.29
C GLN A 284 -0.01 18.45 7.49
N CYS A 285 0.22 17.34 8.21
CA CYS A 285 1.59 16.88 8.44
C CYS A 285 2.25 16.50 7.12
N ILE A 286 1.46 16.10 6.13
CA ILE A 286 2.05 15.77 4.82
C ILE A 286 2.26 17.04 4.03
N ILE A 287 1.26 17.91 4.03
CA ILE A 287 1.30 19.16 3.28
C ILE A 287 2.50 20.03 3.73
N ASP A 288 2.73 20.06 5.04
CA ASP A 288 3.83 20.81 5.62
C ASP A 288 5.22 20.45 5.07
N HIS A 289 5.37 19.29 4.44
CA HIS A 289 6.68 18.94 3.90
C HIS A 289 6.75 19.01 2.40
N GLN A 290 5.97 19.92 1.83
CA GLN A 290 6.00 20.19 0.41
C GLN A 290 5.60 18.97 -0.42
N ALA A 291 4.68 18.16 0.10
CA ALA A 291 4.18 17.04 -0.67
C ALA A 291 3.50 17.49 -1.97
N LEU A 292 2.85 18.65 -1.95
CA LEU A 292 1.99 18.98 -3.10
C LEU A 292 2.82 19.27 -4.37
N PRO A 293 3.91 20.06 -4.25
CA PRO A 293 4.84 20.14 -5.39
C PRO A 293 5.40 18.78 -5.85
N CYS A 294 5.70 17.85 -4.92
CA CYS A 294 6.12 16.49 -5.34
C CYS A 294 5.02 15.74 -6.11
N LEU A 295 3.82 15.75 -5.57
CA LEU A 295 2.68 15.13 -6.23
C LEU A 295 2.44 15.72 -7.63
N LEU A 296 2.58 17.03 -7.77
CA LEU A 296 2.38 17.63 -9.07
C LEU A 296 3.39 17.04 -10.06
N SER A 297 4.64 16.84 -9.63
CA SER A 297 5.66 16.33 -10.54
C SER A 297 5.31 14.89 -10.99
N LEU A 298 4.56 14.16 -10.18
CA LEU A 298 4.13 12.83 -10.56
C LEU A 298 3.08 12.92 -11.68
N LEU A 299 2.29 13.98 -11.68
CA LEU A 299 1.28 14.16 -12.71
C LEU A 299 1.92 14.58 -14.04
N THR A 300 3.01 15.32 -13.99
CA THR A 300 3.55 15.88 -15.22
C THR A 300 4.72 15.10 -15.79
N GLN A 301 5.30 14.17 -15.05
CA GLN A 301 6.31 13.30 -15.65
C GLN A 301 5.62 12.16 -16.42
N ASN A 302 6.38 11.49 -17.27
CA ASN A 302 5.83 10.38 -18.05
C ASN A 302 5.83 9.10 -17.24
N LEU A 303 4.90 8.96 -16.31
CA LEU A 303 4.93 7.83 -15.42
C LEU A 303 3.77 6.88 -15.70
N LYS A 304 3.88 5.66 -15.18
CA LYS A 304 2.82 4.68 -15.27
C LYS A 304 1.48 5.27 -14.87
N LYS A 305 0.42 4.85 -15.56
CA LYS A 305 -0.93 5.22 -15.24
C LYS A 305 -1.32 4.96 -13.78
N SER A 306 -0.89 3.82 -13.25
CA SER A 306 -1.19 3.45 -11.88
C SER A 306 -0.58 4.45 -10.90
N ILE A 307 0.57 4.99 -11.24
CA ILE A 307 1.19 5.98 -10.40
C ILE A 307 0.42 7.31 -10.40
N LYS A 308 0.05 7.78 -11.59
CA LYS A 308 -0.74 9.01 -11.74
C LYS A 308 -2.09 8.89 -11.07
N LYS A 309 -2.69 7.72 -11.19
CA LYS A 309 -3.95 7.43 -10.55
C LYS A 309 -3.89 7.61 -9.04
N GLU A 310 -2.84 7.09 -8.42
CA GLU A 310 -2.71 7.17 -6.97
C GLU A 310 -2.28 8.56 -6.49
N ALA A 311 -1.52 9.27 -7.31
CA ALA A 311 -1.21 10.67 -7.06
C ALA A 311 -2.49 11.49 -7.03
N CYS A 312 -3.37 11.26 -7.99
CA CYS A 312 -4.64 11.95 -8.05
C CYS A 312 -5.49 11.59 -6.85
N TRP A 313 -5.47 10.32 -6.47
CA TRP A 313 -6.25 9.88 -5.34
C TRP A 313 -5.77 10.54 -4.09
N THR A 314 -4.46 10.63 -3.94
CA THR A 314 -3.85 11.36 -2.82
C THR A 314 -4.28 12.83 -2.82
N ILE A 315 -4.19 13.47 -3.98
CA ILE A 315 -4.62 14.85 -4.09
C ILE A 315 -6.11 15.03 -3.73
N SER A 316 -6.97 14.09 -4.12
CA SER A 316 -8.39 14.22 -3.83
C SER A 316 -8.70 14.17 -2.34
N ASN A 317 -7.89 13.43 -1.59
CA ASN A 317 -8.10 13.38 -0.16
C ASN A 317 -7.51 14.62 0.50
N ILE A 318 -6.72 15.38 -0.25
CA ILE A 318 -6.27 16.69 0.25
C ILE A 318 -7.34 17.76 -0.04
N THR A 319 -7.96 17.69 -1.20
CA THR A 319 -9.02 18.64 -1.53
C THR A 319 -10.30 18.32 -0.81
N ALA A 320 -10.32 17.16 -0.14
CA ALA A 320 -11.41 16.80 0.76
C ALA A 320 -11.27 17.51 2.12
N GLY A 321 -10.21 18.29 2.28
CA GLY A 321 -9.85 18.94 3.55
C GLY A 321 -10.43 20.34 3.67
N ASN A 322 -9.76 21.19 4.45
CA ASN A 322 -10.26 22.53 4.71
C ASN A 322 -9.83 23.49 3.60
N LYS A 323 -10.29 24.73 3.70
CA LYS A 323 -10.06 25.74 2.66
C LYS A 323 -8.58 26.10 2.54
N ASP A 324 -7.86 26.08 3.65
CA ASP A 324 -6.41 26.31 3.59
C ASP A 324 -5.68 25.21 2.85
N GLN A 325 -6.16 23.97 3.01
CA GLN A 325 -5.55 22.83 2.31
C GLN A 325 -5.90 22.86 0.82
N ILE A 326 -7.14 23.23 0.49
CA ILE A 326 -7.52 23.46 -0.92
C ILE A 326 -6.63 24.57 -1.51
N GLN A 327 -6.39 25.62 -0.72
CA GLN A 327 -5.58 26.73 -1.19
C GLN A 327 -4.15 26.27 -1.46
N ALA A 328 -3.64 25.37 -0.62
CA ALA A 328 -2.30 24.83 -0.80
C ALA A 328 -2.19 24.07 -2.14
N VAL A 329 -3.23 23.32 -2.50
CA VAL A 329 -3.30 22.65 -3.79
C VAL A 329 -3.28 23.67 -4.92
N ILE A 330 -4.11 24.70 -4.82
CA ILE A 330 -4.11 25.75 -5.82
C ILE A 330 -2.71 26.41 -5.95
N ASN A 331 -2.13 26.77 -4.82
CA ASN A 331 -0.86 27.48 -4.83
C ASN A 331 0.25 26.70 -5.47
N ALA A 332 0.21 25.37 -5.31
CA ALA A 332 1.27 24.53 -5.85
C ALA A 332 1.19 24.44 -7.37
N GLY A 333 0.06 24.84 -7.95
CA GLY A 333 -0.06 24.79 -9.40
C GLY A 333 -0.66 23.50 -9.91
N ILE A 334 -1.38 22.81 -9.04
CA ILE A 334 -1.91 21.50 -9.41
C ILE A 334 -3.16 21.55 -10.32
N ILE A 335 -3.99 22.59 -10.20
CA ILE A 335 -5.29 22.56 -10.86
C ILE A 335 -5.23 22.45 -12.40
N GLY A 336 -4.39 23.24 -13.04
CA GLY A 336 -4.29 23.17 -14.50
C GLY A 336 -4.03 21.74 -14.97
N PRO A 337 -2.93 21.14 -14.50
CA PRO A 337 -2.59 19.76 -14.89
C PRO A 337 -3.68 18.73 -14.52
N LEU A 338 -4.33 18.95 -13.40
CA LEU A 338 -5.37 18.04 -12.92
C LEU A 338 -6.62 18.10 -13.84
N VAL A 339 -6.98 19.31 -14.23
CA VAL A 339 -8.08 19.52 -15.17
C VAL A 339 -7.77 18.87 -16.53
N ASN A 340 -6.55 19.06 -17.00
CA ASN A 340 -6.12 18.37 -18.20
C ASN A 340 -6.23 16.84 -18.11
N LEU A 341 -5.81 16.25 -16.99
CA LEU A 341 -6.01 14.82 -16.80
C LEU A 341 -7.50 14.46 -16.78
N LEU A 342 -8.30 15.27 -16.10
CA LEU A 342 -9.72 15.00 -16.06
C LEU A 342 -10.29 14.97 -17.48
N GLN A 343 -9.72 15.77 -18.37
CA GLN A 343 -10.28 15.86 -19.72
C GLN A 343 -9.79 14.76 -20.64
N THR A 344 -8.55 14.32 -20.44
CA THR A 344 -7.81 13.57 -21.44
C THR A 344 -7.17 12.25 -21.00
N ALA A 345 -7.06 11.98 -19.70
CA ALA A 345 -6.36 10.77 -19.23
C ALA A 345 -7.20 9.50 -19.40
N GLU A 346 -6.56 8.35 -19.21
CA GLU A 346 -7.29 7.09 -19.10
C GLU A 346 -8.33 7.15 -18.00
N PHE A 347 -9.37 6.35 -18.14
CA PHE A 347 -10.53 6.46 -17.28
C PHE A 347 -10.20 6.28 -15.80
N ASP A 348 -9.31 5.36 -15.45
CA ASP A 348 -8.96 5.16 -14.05
C ASP A 348 -8.40 6.46 -13.40
N ILE A 349 -7.64 7.22 -14.16
CA ILE A 349 -7.09 8.49 -13.72
C ILE A 349 -8.18 9.56 -13.63
N LYS A 350 -8.99 9.66 -14.67
CA LYS A 350 -10.12 10.60 -14.72
C LYS A 350 -11.03 10.47 -13.50
N LYS A 351 -11.31 9.24 -13.10
CA LYS A 351 -12.15 8.99 -11.92
C LYS A 351 -11.57 9.67 -10.67
N GLU A 352 -10.27 9.50 -10.43
CA GLU A 352 -9.63 10.14 -9.28
C GLU A 352 -9.58 11.67 -9.43
N ALA A 353 -9.24 12.16 -10.61
CA ALA A 353 -9.21 13.59 -10.83
C ALA A 353 -10.60 14.21 -10.63
N ALA A 354 -11.64 13.48 -11.03
CA ALA A 354 -13.00 13.94 -10.86
C ALA A 354 -13.31 14.14 -9.38
N TRP A 355 -12.95 13.15 -8.56
CA TRP A 355 -13.11 13.25 -7.10
C TRP A 355 -12.31 14.44 -6.57
N ALA A 356 -11.11 14.65 -7.10
CA ALA A 356 -10.27 15.73 -6.59
C ALA A 356 -10.91 17.11 -6.87
N ILE A 357 -11.35 17.32 -8.11
CA ILE A 357 -11.98 18.58 -8.49
C ILE A 357 -13.29 18.72 -7.73
N SER A 358 -14.07 17.64 -7.68
CA SER A 358 -15.38 17.73 -7.06
C SER A 358 -15.27 18.01 -5.54
N ASN A 359 -14.31 17.36 -4.86
CA ASN A 359 -14.07 17.63 -3.45
C ASN A 359 -13.74 19.10 -3.19
N ALA A 360 -12.93 19.68 -4.08
CA ALA A 360 -12.54 21.07 -3.98
C ALA A 360 -13.74 21.99 -4.14
N THR A 361 -14.68 21.65 -5.04
CA THR A 361 -15.85 22.51 -5.21
C THR A 361 -16.75 22.39 -3.99
N SER A 362 -16.66 21.27 -3.30
CA SER A 362 -17.50 21.04 -2.12
C SER A 362 -16.98 21.79 -0.87
N GLY A 363 -15.66 21.83 -0.67
CA GLY A 363 -15.10 22.37 0.56
C GLY A 363 -14.50 23.75 0.36
N GLY A 364 -14.37 24.12 -0.89
CA GLY A 364 -13.71 25.36 -1.26
C GLY A 364 -14.53 26.62 -1.08
N SER A 365 -13.84 27.74 -1.11
CA SER A 365 -14.52 29.02 -1.01
C SER A 365 -15.11 29.40 -2.36
N HIS A 366 -16.02 30.36 -2.31
CA HIS A 366 -16.58 30.99 -3.50
C HIS A 366 -15.52 31.34 -4.49
N ASP A 367 -14.52 32.08 -4.04
CA ASP A 367 -13.40 32.50 -4.86
C ASP A 367 -12.53 31.34 -5.35
N GLN A 368 -12.43 30.29 -4.55
CA GLN A 368 -11.64 29.13 -4.92
C GLN A 368 -12.34 28.38 -6.07
N ILE A 369 -13.66 28.25 -5.96
CA ILE A 369 -14.45 27.61 -7.00
C ILE A 369 -14.33 28.38 -8.30
N LYS A 370 -14.39 29.71 -8.22
CA LYS A 370 -14.25 30.52 -9.40
C LYS A 370 -12.91 30.31 -10.07
N TYR A 371 -11.87 30.11 -9.27
CA TYR A 371 -10.56 29.78 -9.85
C TYR A 371 -10.56 28.43 -10.58
N LEU A 372 -11.20 27.42 -10.01
CA LEU A 372 -11.29 26.11 -10.71
C LEU A 372 -11.98 26.28 -12.07
N VAL A 373 -13.02 27.11 -12.10
CA VAL A 373 -13.73 27.33 -13.36
C VAL A 373 -12.83 28.02 -14.36
N SER A 374 -12.05 29.00 -13.88
CA SER A 374 -11.15 29.74 -14.77
C SER A 374 -10.07 28.82 -15.33
N GLU A 375 -9.80 27.73 -14.64
CA GLU A 375 -8.81 26.77 -15.12
C GLU A 375 -9.47 25.76 -16.06
N GLY A 376 -10.76 25.91 -16.33
CA GLY A 376 -11.41 25.09 -17.33
C GLY A 376 -12.05 23.81 -16.84
N CYS A 377 -12.40 23.70 -15.55
CA CYS A 377 -12.98 22.43 -15.07
C CYS A 377 -14.41 22.13 -15.52
N ILE A 378 -15.16 23.10 -16.03
CA ILE A 378 -16.57 22.81 -16.35
C ILE A 378 -16.73 21.74 -17.45
N LYS A 379 -16.04 21.92 -18.55
CA LYS A 379 -16.24 21.01 -19.67
C LYS A 379 -15.91 19.54 -19.33
N PRO A 380 -14.76 19.30 -18.71
CA PRO A 380 -14.50 17.87 -18.45
C PRO A 380 -15.42 17.25 -17.38
N LEU A 381 -15.92 18.03 -16.43
CA LEU A 381 -16.93 17.50 -15.52
C LEU A 381 -18.20 17.13 -16.29
N CYS A 382 -18.59 18.00 -17.21
CA CYS A 382 -19.77 17.71 -18.03
C CYS A 382 -19.61 16.47 -18.90
N ASP A 383 -18.44 16.32 -19.52
CA ASP A 383 -18.20 15.16 -20.41
C ASP A 383 -18.40 13.81 -19.69
N LEU A 384 -18.11 13.78 -18.39
CA LEU A 384 -18.23 12.56 -17.61
C LEU A 384 -19.64 12.27 -17.15
N LEU A 385 -20.59 13.14 -17.47
CA LEU A 385 -21.97 12.91 -17.04
C LEU A 385 -22.58 11.70 -17.72
N ILE A 386 -21.96 11.24 -18.82
CA ILE A 386 -22.41 10.05 -19.53
C ILE A 386 -21.52 8.83 -19.31
N CYS A 387 -20.58 8.89 -18.39
CA CYS A 387 -19.73 7.73 -18.20
C CYS A 387 -20.52 6.59 -17.51
N PRO A 388 -20.07 5.35 -17.67
CA PRO A 388 -20.86 4.20 -17.18
C PRO A 388 -20.78 3.98 -15.67
N ASP A 389 -19.92 4.70 -14.98
CA ASP A 389 -19.82 4.56 -13.54
C ASP A 389 -20.74 5.56 -12.78
N ILE A 390 -21.78 5.05 -12.14
CA ILE A 390 -22.75 5.97 -11.55
C ILE A 390 -22.17 6.79 -10.39
N ARG A 391 -21.14 6.29 -9.70
CA ARG A 391 -20.54 7.03 -8.60
C ARG A 391 -19.87 8.29 -9.18
N ILE A 392 -19.20 8.11 -10.31
CA ILE A 392 -18.52 9.22 -10.97
C ILE A 392 -19.53 10.24 -11.50
N VAL A 393 -20.63 9.74 -12.08
CA VAL A 393 -21.64 10.66 -12.59
C VAL A 393 -22.10 11.52 -11.43
N THR A 394 -22.30 10.88 -10.27
CA THR A 394 -22.82 11.59 -9.12
C THR A 394 -21.81 12.64 -8.63
N VAL A 395 -20.55 12.28 -8.61
CA VAL A 395 -19.49 13.19 -8.18
C VAL A 395 -19.40 14.41 -9.10
N CYS A 396 -19.54 14.18 -10.40
CA CYS A 396 -19.43 15.30 -11.34
C CYS A 396 -20.68 16.21 -11.27
N LEU A 397 -21.85 15.59 -11.10
CA LEU A 397 -23.08 16.37 -10.94
C LEU A 397 -22.99 17.25 -9.71
N GLU A 398 -22.48 16.68 -8.63
CA GLU A 398 -22.30 17.45 -7.39
C GLU A 398 -21.37 18.63 -7.60
N GLY A 399 -20.31 18.38 -8.35
CA GLY A 399 -19.34 19.42 -8.64
C GLY A 399 -19.98 20.56 -9.43
N LEU A 400 -20.77 20.19 -10.43
CA LEU A 400 -21.45 21.14 -11.27
C LEU A 400 -22.48 21.93 -10.46
N GLU A 401 -23.18 21.27 -9.55
CA GLU A 401 -24.15 21.99 -8.73
C GLU A 401 -23.45 23.03 -7.83
N ASN A 402 -22.32 22.66 -7.25
CA ASN A 402 -21.58 23.61 -6.44
C ASN A 402 -21.11 24.80 -7.26
N ILE A 403 -20.68 24.52 -8.49
CA ILE A 403 -20.26 25.57 -9.40
C ILE A 403 -21.44 26.47 -9.76
N LEU A 404 -22.59 25.86 -10.02
CA LEU A 404 -23.79 26.61 -10.33
C LEU A 404 -24.21 27.55 -9.19
N LYS A 405 -24.04 27.11 -7.93
CA LYS A 405 -24.38 27.92 -6.76
C LYS A 405 -23.51 29.19 -6.74
N VAL A 406 -22.24 29.03 -7.07
CA VAL A 406 -21.32 30.14 -7.09
C VAL A 406 -21.70 31.13 -8.18
N GLY A 407 -22.03 30.60 -9.35
CA GLY A 407 -22.49 31.40 -10.46
C GLY A 407 -23.77 32.15 -10.12
N GLU A 408 -24.65 31.52 -9.37
CA GLU A 408 -25.92 32.15 -9.01
C GLU A 408 -25.70 33.26 -7.98
N THR A 409 -24.75 33.03 -7.07
CA THR A 409 -24.41 34.02 -6.08
C THR A 409 -23.82 35.25 -6.76
N ASP A 410 -22.96 35.02 -7.74
CA ASP A 410 -22.38 36.10 -8.51
C ASP A 410 -23.45 36.94 -9.22
N LYS A 411 -24.44 36.26 -9.79
CA LYS A 411 -25.56 36.90 -10.47
C LYS A 411 -26.32 37.78 -9.48
N THR A 412 -26.68 37.19 -8.34
CA THR A 412 -27.49 37.85 -7.33
C THR A 412 -26.82 39.09 -6.72
N LEU A 413 -25.54 38.98 -6.41
CA LEU A 413 -24.83 40.04 -5.74
C LEU A 413 -24.84 41.33 -6.58
N ALA A 414 -24.70 41.15 -7.89
CA ALA A 414 -24.67 42.25 -8.85
C ALA A 414 -26.07 42.57 -9.40
N ALA A 415 -27.05 41.76 -9.02
CA ALA A 415 -28.39 41.88 -9.58
C ALA A 415 -28.33 41.74 -11.10
N GLY A 416 -27.54 40.79 -11.58
CA GLY A 416 -27.32 40.63 -13.00
C GLY A 416 -28.43 39.85 -13.67
N ASP A 417 -28.32 39.70 -14.99
CA ASP A 417 -29.32 39.00 -15.79
C ASP A 417 -29.09 37.49 -15.84
N VAL A 418 -27.83 37.06 -15.85
CA VAL A 418 -27.57 35.63 -16.08
C VAL A 418 -26.53 35.01 -15.17
N ASN A 419 -26.73 33.73 -14.89
CA ASN A 419 -25.74 32.92 -14.19
C ASN A 419 -24.71 32.54 -15.25
N VAL A 420 -23.54 33.16 -15.19
CA VAL A 420 -22.52 32.95 -16.22
C VAL A 420 -22.08 31.47 -16.28
N PHE A 421 -22.10 30.77 -15.15
CA PHE A 421 -21.65 29.39 -15.13
C PHE A 421 -22.72 28.47 -15.71
N SER A 422 -23.99 28.88 -15.63
CA SER A 422 -25.03 28.11 -16.29
C SER A 422 -24.85 28.19 -17.79
N GLN A 423 -24.43 29.35 -18.29
CA GLN A 423 -24.20 29.47 -19.73
C GLN A 423 -23.01 28.63 -20.16
N MET A 424 -21.97 28.62 -19.33
CA MET A 424 -20.79 27.80 -19.65
C MET A 424 -21.10 26.31 -19.67
N ILE A 425 -21.93 25.86 -18.74
CA ILE A 425 -22.37 24.47 -18.75
C ILE A 425 -23.21 24.14 -20.01
N ASP A 426 -24.02 25.09 -20.45
CA ASP A 426 -24.79 24.95 -21.67
C ASP A 426 -23.82 24.84 -22.87
N GLU A 427 -22.87 25.75 -22.95
CA GLU A 427 -21.88 25.74 -24.02
C GLU A 427 -21.02 24.46 -24.03
N ALA A 428 -20.79 23.85 -22.87
CA ALA A 428 -19.97 22.65 -22.81
C ALA A 428 -20.80 21.40 -23.08
N GLU A 429 -22.08 21.61 -23.45
CA GLU A 429 -23.03 20.52 -23.69
C GLU A 429 -23.40 19.76 -22.43
N GLY A 430 -23.18 20.37 -21.28
CA GLY A 430 -23.55 19.77 -20.02
C GLY A 430 -25.03 19.83 -19.73
N LEU A 431 -25.69 20.89 -20.20
CA LEU A 431 -27.11 21.07 -19.89
C LEU A 431 -27.92 19.93 -20.50
N GLU A 432 -27.69 19.66 -21.78
CA GLU A 432 -28.42 18.55 -22.40
C GLU A 432 -28.14 17.21 -21.68
N LYS A 433 -26.91 17.01 -21.21
CA LYS A 433 -26.61 15.77 -20.50
C LYS A 433 -27.39 15.72 -19.19
N ILE A 434 -27.52 16.87 -18.53
CA ILE A 434 -28.23 16.87 -17.26
C ILE A 434 -29.70 16.65 -17.50
N GLU A 435 -30.22 17.22 -18.59
CA GLU A 435 -31.61 16.95 -19.00
C GLU A 435 -31.86 15.45 -19.19
N ASN A 436 -30.95 14.75 -19.86
CA ASN A 436 -31.12 13.33 -20.11
C ASN A 436 -30.97 12.48 -18.86
N LEU A 437 -30.27 12.98 -17.84
CA LEU A 437 -30.19 12.26 -16.57
C LEU A 437 -31.53 12.18 -15.86
N GLN A 438 -32.50 12.99 -16.26
CA GLN A 438 -33.89 12.78 -15.80
C GLN A 438 -34.45 11.41 -16.21
N SER A 439 -33.79 10.73 -17.16
CA SER A 439 -34.20 9.38 -17.56
C SER A 439 -33.37 8.28 -16.88
N HIS A 440 -32.53 8.63 -15.91
CA HIS A 440 -31.62 7.66 -15.36
C HIS A 440 -32.35 6.71 -14.39
N ASP A 441 -31.96 5.44 -14.39
CA ASP A 441 -32.52 4.44 -13.47
C ASP A 441 -32.24 4.75 -11.98
N ASN A 442 -31.19 5.50 -11.69
CA ASN A 442 -30.72 5.76 -10.33
C ASN A 442 -31.41 6.99 -9.74
N ASN A 443 -32.07 6.79 -8.59
CA ASN A 443 -32.84 7.86 -7.95
C ASN A 443 -32.03 9.08 -7.51
N GLU A 444 -30.88 8.81 -6.92
CA GLU A 444 -30.00 9.88 -6.49
C GLU A 444 -29.74 10.79 -7.68
N ILE A 445 -29.19 10.20 -8.72
CA ILE A 445 -28.89 10.94 -9.94
C ILE A 445 -30.14 11.67 -10.43
N TYR A 446 -31.26 10.97 -10.46
CA TYR A 446 -32.50 11.55 -10.97
C TYR A 446 -32.93 12.76 -10.18
N GLU A 447 -33.03 12.59 -8.86
CA GLU A 447 -33.46 13.70 -8.01
C GLU A 447 -32.52 14.89 -8.13
N LYS A 448 -31.22 14.64 -8.17
CA LYS A 448 -30.27 15.73 -8.26
C LYS A 448 -30.45 16.48 -9.58
N ALA A 449 -30.53 15.75 -10.69
CA ALA A 449 -30.69 16.41 -11.98
C ALA A 449 -31.95 17.31 -11.99
N VAL A 450 -33.07 16.77 -11.51
CA VAL A 450 -34.30 17.54 -11.50
C VAL A 450 -34.11 18.80 -10.65
N LYS A 451 -33.60 18.61 -9.45
CA LYS A 451 -33.35 19.72 -8.54
C LYS A 451 -32.48 20.78 -9.23
N ILE A 452 -31.40 20.33 -9.87
CA ILE A 452 -30.51 21.25 -10.54
C ILE A 452 -31.26 22.01 -11.62
N LEU A 453 -32.07 21.31 -12.40
CA LEU A 453 -32.72 21.95 -13.53
C LEU A 453 -33.77 22.96 -13.05
N GLU A 454 -34.45 22.60 -11.97
CA GLU A 454 -35.53 23.45 -11.46
C GLU A 454 -34.95 24.72 -10.85
N ALA A 455 -33.75 24.61 -10.27
CA ALA A 455 -33.16 25.75 -9.60
C ALA A 455 -32.48 26.72 -10.56
N TYR A 456 -31.90 26.22 -11.65
CA TYR A 456 -31.04 27.05 -12.49
C TYR A 456 -31.53 27.23 -13.91
N TRP A 457 -32.50 26.44 -14.32
CA TRP A 457 -33.02 26.55 -15.68
C TRP A 457 -34.55 26.53 -15.76
N MET A 458 -35.19 27.59 -15.26
CA MET A 458 -36.62 27.81 -15.49
C MET A 458 -36.90 29.29 -15.67
N GLY B 1 2.25 -5.58 -8.72
CA GLY B 1 3.68 -5.55 -8.50
C GLY B 1 4.05 -5.49 -7.01
N SER B 2 3.19 -6.06 -6.17
CA SER B 2 3.44 -6.15 -4.74
C SER B 2 4.63 -7.06 -4.40
N PRO B 3 5.24 -6.91 -3.21
CA PRO B 3 6.37 -7.79 -2.89
C PRO B 3 5.91 -9.24 -2.73
N PRO B 4 6.79 -10.20 -3.06
CA PRO B 4 6.37 -11.60 -2.92
C PRO B 4 5.95 -11.93 -1.48
N LYS B 5 4.99 -12.83 -1.38
CA LYS B 5 4.53 -13.34 -0.10
C LYS B 5 5.47 -14.39 0.47
N LYS B 6 6.19 -15.05 -0.41
CA LYS B 6 7.09 -16.14 -0.03
C LYS B 6 8.30 -16.07 -0.92
N LYS B 7 9.45 -16.49 -0.41
CA LYS B 7 10.67 -16.52 -1.19
C LYS B 7 11.37 -17.84 -0.92
N ARG B 8 11.77 -18.50 -1.99
CA ARG B 8 12.53 -19.75 -1.89
C ARG B 8 14.00 -19.39 -2.05
N LYS B 9 14.83 -19.97 -1.20
CA LYS B 9 16.25 -19.67 -1.21
C LYS B 9 16.98 -20.62 -2.17
N VAL B 10 17.51 -20.07 -3.26
CA VAL B 10 18.15 -20.91 -4.26
C VAL B 10 19.66 -20.79 -4.24
N GLY B 11 20.17 -19.78 -3.56
CA GLY B 11 21.59 -19.51 -3.53
C GLY B 11 22.12 -19.23 -2.14
N LYS C 6 -16.14 12.52 1.89
CA LYS C 6 -15.21 12.90 0.83
C LYS C 6 -13.86 12.19 0.97
N LYS C 7 -13.43 11.96 2.21
CA LYS C 7 -12.23 11.19 2.47
C LYS C 7 -12.48 9.72 2.13
N ARG C 8 -11.64 9.19 1.23
CA ARG C 8 -11.82 7.84 0.73
C ARG C 8 -10.59 7.01 1.03
N LYS C 9 -10.77 6.01 1.90
CA LYS C 9 -9.71 5.07 2.27
C LYS C 9 -9.42 4.10 1.15
N VAL C 10 -8.32 3.34 1.32
CA VAL C 10 -7.97 2.19 0.50
C VAL C 10 -6.72 2.44 -0.35
#